data_1L1J
#
_entry.id   1L1J
#
_cell.length_a   120.55
_cell.length_b   120.55
_cell.length_c   120.55
_cell.angle_alpha   90
_cell.angle_beta   90
_cell.angle_gamma   90
#
_symmetry.space_group_name_H-M   'P 21 3'
#
loop_
_entity.id
_entity.type
_entity.pdbx_description
1 polymer 'heat shock protease HtrA'
2 water water
#
_entity_poly.entity_id   1
_entity_poly.type   'polypeptide(L)'
_entity_poly.pdbx_seq_one_letter_code
;DYESPIVNVVEACAPAVVKIDVVKTVKTSFFDPYFEQFFKKWFGELPPGFERQVASLGSGFIFDPEGYILTNYHVVGGAD
NITVTMLDGSKYDAEYIGGDEELDIAVIKIKASDKKFPYLEFGDSDKVKIGEWAIAIGNPLGFQHTVTVGVVSATNRRIP
KPDGSGYYVGLIQTDAAINPGNSGGPLLNIHGEVIGINTAIVNPQEAVNLGFAIPINTVKKFLDTILTQKKVEKAYLGV
;
_entity_poly.pdbx_strand_id   A,B
#
# COMPACT_ATOMS: atom_id res chain seq x y z
N ASP A 1 -5.81 3.76 -8.44
CA ASP A 1 -5.89 3.77 -6.95
C ASP A 1 -5.15 2.54 -6.40
N TYR A 2 -5.71 1.36 -6.62
CA TYR A 2 -5.09 0.10 -6.16
C TYR A 2 -4.92 -0.89 -7.28
N GLU A 3 -5.34 -0.51 -8.50
CA GLU A 3 -5.24 -1.41 -9.65
C GLU A 3 -3.94 -1.17 -10.43
N SER A 4 -3.03 -0.40 -9.85
CA SER A 4 -1.75 -0.08 -10.50
C SER A 4 -0.55 -0.58 -9.72
N PRO A 5 -0.12 -1.83 -9.97
CA PRO A 5 1.03 -2.41 -9.29
C PRO A 5 2.28 -1.54 -9.35
N ILE A 6 2.75 -1.26 -10.56
CA ILE A 6 3.96 -0.46 -10.72
C ILE A 6 3.93 0.77 -9.81
N VAL A 7 2.79 1.47 -9.81
CA VAL A 7 2.66 2.66 -9.00
C VAL A 7 2.89 2.28 -7.54
N ASN A 8 2.34 1.14 -7.17
CA ASN A 8 2.47 0.65 -5.80
C ASN A 8 3.93 0.40 -5.45
N VAL A 9 4.63 -0.39 -6.25
CA VAL A 9 6.04 -0.68 -5.96
C VAL A 9 6.85 0.59 -5.68
N VAL A 10 6.77 1.54 -6.61
CA VAL A 10 7.50 2.80 -6.50
C VAL A 10 7.17 3.47 -5.16
N GLU A 11 5.87 3.65 -4.91
CA GLU A 11 5.40 4.26 -3.68
C GLU A 11 6.07 3.57 -2.50
N ALA A 12 6.32 2.27 -2.65
CA ALA A 12 6.93 1.48 -1.60
C ALA A 12 8.45 1.51 -1.57
N CYS A 13 9.09 1.56 -2.72
CA CYS A 13 10.55 1.54 -2.75
C CYS A 13 11.25 2.87 -2.95
N ALA A 14 10.51 3.89 -3.37
CA ALA A 14 11.10 5.20 -3.60
C ALA A 14 11.85 5.80 -2.40
N PRO A 15 11.24 5.79 -1.21
CA PRO A 15 11.90 6.36 -0.03
C PRO A 15 13.22 5.73 0.36
N ALA A 16 13.62 4.66 -0.33
CA ALA A 16 14.88 3.99 -0.02
C ALA A 16 15.92 4.21 -1.13
N VAL A 17 15.53 4.94 -2.18
CA VAL A 17 16.43 5.23 -3.31
C VAL A 17 17.09 6.59 -3.09
N VAL A 18 18.41 6.60 -2.99
CA VAL A 18 19.14 7.82 -2.71
C VAL A 18 19.94 8.40 -3.86
N LYS A 19 20.46 9.60 -3.61
CA LYS A 19 21.29 10.36 -4.53
C LYS A 19 22.74 10.23 -4.05
N ILE A 20 23.71 10.41 -4.94
CA ILE A 20 25.10 10.31 -4.54
C ILE A 20 25.94 11.34 -5.28
N ASP A 21 26.26 12.43 -4.59
CA ASP A 21 27.06 13.51 -5.15
C ASP A 21 28.43 13.55 -4.50
N VAL A 22 29.46 13.63 -5.34
CA VAL A 22 30.86 13.67 -4.90
C VAL A 22 31.57 14.92 -5.44
N VAL A 23 31.99 15.80 -4.53
CA VAL A 23 32.67 17.03 -4.93
C VAL A 23 34.02 16.79 -5.62
N LYS A 24 34.50 17.78 -6.37
CA LYS A 24 35.76 17.63 -7.08
C LYS A 24 36.96 17.98 -6.21
N THR A 25 38.16 17.72 -6.74
CA THR A 25 39.42 17.97 -6.07
C THR A 25 39.60 16.99 -4.90
N THR A 28 38.93 12.72 -8.42
CA THR A 28 38.80 13.22 -9.81
C THR A 28 39.28 12.19 -10.84
N SER A 29 38.47 11.15 -11.02
CA SER A 29 38.77 10.06 -11.96
C SER A 29 37.46 9.54 -12.56
N PHE A 30 36.47 9.38 -11.68
CA PHE A 30 35.12 8.91 -12.03
C PHE A 30 34.41 9.94 -12.90
N PHE A 31 35.20 10.82 -13.50
CA PHE A 31 34.67 11.86 -14.36
C PHE A 31 34.63 11.37 -15.80
N ASP A 32 33.92 10.28 -16.07
CA ASP A 32 33.84 9.79 -17.45
C ASP A 32 32.90 10.72 -18.21
N PRO A 33 33.47 11.54 -19.11
CA PRO A 33 32.81 12.53 -19.97
C PRO A 33 31.41 12.20 -20.49
N TYR A 34 31.07 10.93 -20.58
CA TYR A 34 29.76 10.55 -21.07
C TYR A 34 28.72 11.00 -20.04
N PHE A 35 28.96 10.63 -18.78
CA PHE A 35 28.07 10.92 -17.65
C PHE A 35 27.83 12.40 -17.32
N GLU A 36 28.89 13.20 -17.36
CA GLU A 36 28.76 14.62 -17.08
C GLU A 36 27.94 15.29 -18.17
N GLN A 37 28.02 14.77 -19.39
CA GLN A 37 27.28 15.35 -20.48
C GLN A 37 25.80 15.02 -20.39
N PHE A 38 25.48 13.87 -19.82
CA PHE A 38 24.07 13.47 -19.68
C PHE A 38 23.34 14.41 -18.74
N PHE A 39 23.91 14.61 -17.55
CA PHE A 39 23.30 15.51 -16.58
C PHE A 39 23.29 16.94 -17.13
N LYS A 40 24.46 17.39 -17.58
CA LYS A 40 24.63 18.73 -18.13
C LYS A 40 23.57 19.07 -19.18
N LYS A 41 23.30 18.13 -20.07
CA LYS A 41 22.35 18.32 -21.16
C LYS A 41 20.89 18.05 -20.85
N TRP A 42 20.61 17.24 -19.84
CA TRP A 42 19.22 16.90 -19.53
C TRP A 42 18.64 17.36 -18.21
N PHE A 43 19.48 17.74 -17.26
CA PHE A 43 18.96 18.16 -15.97
C PHE A 43 19.12 19.62 -15.68
N GLY A 44 18.24 20.42 -16.26
CA GLY A 44 18.28 21.85 -16.06
C GLY A 44 18.16 22.23 -14.60
N GLU A 45 18.01 21.22 -13.73
CA GLU A 45 17.89 21.46 -12.30
C GLU A 45 19.28 21.48 -11.67
N LEU A 46 20.31 21.38 -12.50
CA LEU A 46 21.69 21.39 -12.02
C LEU A 46 22.23 22.83 -11.88
N PRO A 47 22.68 23.18 -10.66
CA PRO A 47 23.22 24.50 -10.34
C PRO A 47 24.20 24.99 -11.41
N PRO A 48 24.39 26.31 -11.50
CA PRO A 48 25.31 26.86 -12.50
C PRO A 48 26.73 26.34 -12.31
N GLY A 49 27.03 25.88 -11.10
CA GLY A 49 28.36 25.39 -10.80
C GLY A 49 28.48 23.88 -10.66
N PHE A 50 27.81 23.15 -11.55
CA PHE A 50 27.86 21.70 -11.49
C PHE A 50 29.25 21.17 -11.80
N GLU A 51 29.64 21.22 -13.08
CA GLU A 51 30.95 20.75 -13.53
C GLU A 51 32.08 21.02 -12.54
N ARG A 52 32.46 22.28 -12.40
CA ARG A 52 33.53 22.63 -11.48
C ARG A 52 33.35 21.95 -10.11
N GLN A 53 32.16 22.05 -9.53
CA GLN A 53 31.89 21.48 -8.21
C GLN A 53 31.64 19.96 -8.08
N VAL A 54 31.05 19.34 -9.10
CA VAL A 54 30.73 17.91 -9.01
C VAL A 54 31.65 16.96 -9.77
N ALA A 55 31.88 15.79 -9.18
CA ALA A 55 32.74 14.79 -9.79
C ALA A 55 31.90 13.63 -10.30
N SER A 56 30.84 13.34 -9.55
CA SER A 56 29.92 12.27 -9.90
C SER A 56 28.56 12.42 -9.22
N LEU A 57 27.53 12.16 -10.01
CA LEU A 57 26.15 12.23 -9.55
C LEU A 57 25.53 10.91 -9.97
N GLY A 58 24.85 10.26 -9.05
CA GLY A 58 24.24 8.99 -9.37
C GLY A 58 23.11 8.62 -8.44
N SER A 59 22.91 7.32 -8.27
CA SER A 59 21.86 6.84 -7.39
C SER A 59 22.38 5.64 -6.64
N GLY A 60 21.58 5.13 -5.71
CA GLY A 60 21.98 3.97 -4.96
C GLY A 60 20.79 3.60 -4.11
N PHE A 61 20.93 2.57 -3.29
CA PHE A 61 19.81 2.18 -2.47
C PHE A 61 20.22 1.42 -1.22
N ILE A 62 19.50 1.73 -0.14
CA ILE A 62 19.74 1.13 1.16
C ILE A 62 19.17 -0.28 1.14
N PHE A 63 20.03 -1.25 1.42
CA PHE A 63 19.62 -2.65 1.43
C PHE A 63 19.52 -3.27 2.82
N ASP A 64 19.79 -2.47 3.84
CA ASP A 64 19.72 -2.95 5.21
C ASP A 64 19.74 -1.75 6.16
N PRO A 65 18.72 -1.64 7.02
CA PRO A 65 18.47 -0.59 8.01
C PRO A 65 19.67 0.10 8.65
N GLU A 66 20.76 -0.64 8.84
CA GLU A 66 21.97 -0.09 9.44
C GLU A 66 22.52 1.09 8.62
N GLY A 67 22.01 1.28 7.41
CA GLY A 67 22.48 2.38 6.59
C GLY A 67 23.41 1.94 5.47
N TYR A 68 23.34 0.66 5.14
CA TYR A 68 24.17 0.13 4.07
C TYR A 68 23.53 0.38 2.72
N ILE A 69 24.34 0.88 1.78
CA ILE A 69 23.87 1.25 0.46
C ILE A 69 24.66 0.65 -0.70
N LEU A 70 23.96 0.32 -1.77
CA LEU A 70 24.58 -0.24 -2.96
C LEU A 70 24.46 0.79 -4.06
N THR A 71 25.34 0.70 -5.05
CA THR A 71 25.32 1.60 -6.18
C THR A 71 26.34 1.13 -7.19
N ASN A 72 26.61 1.96 -8.19
CA ASN A 72 27.58 1.62 -9.20
C ASN A 72 28.96 2.13 -8.79
N TYR A 73 29.99 1.29 -8.97
CA TYR A 73 31.32 1.69 -8.59
C TYR A 73 31.77 2.92 -9.35
N HIS A 74 31.44 3.00 -10.63
CA HIS A 74 31.84 4.15 -11.42
C HIS A 74 31.25 5.41 -10.81
N VAL A 75 30.11 5.27 -10.14
CA VAL A 75 29.50 6.43 -9.52
C VAL A 75 30.42 6.88 -8.39
N VAL A 76 30.37 6.19 -7.25
CA VAL A 76 31.20 6.51 -6.10
C VAL A 76 32.69 6.28 -6.36
N GLY A 77 33.01 5.11 -6.89
CA GLY A 77 34.41 4.78 -7.18
C GLY A 77 35.34 5.11 -6.03
N GLY A 78 36.62 5.31 -6.33
CA GLY A 78 37.55 5.64 -5.27
C GLY A 78 37.23 7.05 -4.81
N ALA A 79 36.34 7.18 -3.83
CA ALA A 79 35.94 8.51 -3.35
C ALA A 79 36.29 8.84 -1.90
N ASP A 80 36.61 10.10 -1.70
CA ASP A 80 36.99 10.64 -0.40
C ASP A 80 35.82 11.47 0.14
N ASN A 81 35.23 12.26 -0.75
CA ASN A 81 34.11 13.13 -0.45
C ASN A 81 32.83 12.55 -1.05
N ILE A 82 32.06 11.84 -0.24
CA ILE A 82 30.83 11.23 -0.72
C ILE A 82 29.61 11.78 0.00
N THR A 83 28.68 12.37 -0.75
CA THR A 83 27.47 12.94 -0.17
C THR A 83 26.22 12.15 -0.58
N VAL A 84 25.42 11.75 0.41
CA VAL A 84 24.19 11.00 0.16
C VAL A 84 22.96 11.82 0.52
N THR A 85 22.05 11.98 -0.43
CA THR A 85 20.83 12.74 -0.19
C THR A 85 19.60 11.81 -0.26
N MET A 86 18.67 11.97 0.67
CA MET A 86 17.47 11.12 0.69
C MET A 86 16.17 11.80 0.28
N LEU A 87 15.15 10.99 0.08
CA LEU A 87 13.85 11.49 -0.34
C LEU A 87 13.22 12.40 0.68
N ASP A 88 13.41 12.13 1.98
CA ASP A 88 12.81 12.97 2.99
C ASP A 88 13.50 14.34 3.01
N GLY A 89 14.64 14.43 2.34
CA GLY A 89 15.38 15.69 2.27
C GLY A 89 16.70 15.66 3.02
N SER A 90 16.76 14.85 4.07
CA SER A 90 17.95 14.71 4.90
C SER A 90 19.23 14.36 4.14
N LYS A 91 20.36 14.95 4.54
CA LYS A 91 21.64 14.67 3.88
C LYS A 91 22.58 13.89 4.80
N TYR A 92 23.51 13.15 4.20
CA TYR A 92 24.45 12.35 4.98
C TYR A 92 25.83 12.22 4.35
N ASP A 93 26.71 11.59 5.12
CA ASP A 93 28.07 11.33 4.69
C ASP A 93 28.23 9.84 4.72
N ALA A 94 28.64 9.28 3.58
CA ALA A 94 28.81 7.84 3.46
C ALA A 94 30.26 7.44 3.54
N GLU A 95 30.49 6.23 4.03
CA GLU A 95 31.83 5.71 4.16
C GLU A 95 32.05 4.58 3.17
N TYR A 96 32.99 4.75 2.25
CA TYR A 96 33.27 3.73 1.25
C TYR A 96 33.67 2.37 1.86
N ILE A 97 32.69 1.52 2.11
CA ILE A 97 32.88 0.19 2.67
C ILE A 97 33.78 -0.70 1.80
N GLY A 98 33.52 -0.67 0.49
CA GLY A 98 34.29 -1.48 -0.45
C GLY A 98 33.58 -1.51 -1.79
N GLY A 99 34.17 -2.18 -2.77
CA GLY A 99 33.55 -2.23 -4.08
C GLY A 99 34.35 -3.07 -5.03
N ASP A 100 34.10 -2.92 -6.32
CA ASP A 100 34.79 -3.69 -7.36
C ASP A 100 34.57 -2.99 -8.69
N GLU A 101 35.63 -2.57 -9.36
CA GLU A 101 35.44 -1.88 -10.63
C GLU A 101 35.12 -2.77 -11.81
N GLU A 102 35.61 -4.00 -11.80
CA GLU A 102 35.36 -4.91 -12.92
C GLU A 102 33.90 -5.42 -12.94
N LEU A 103 33.23 -5.43 -11.79
CA LEU A 103 31.83 -5.87 -11.71
C LEU A 103 30.96 -4.61 -11.68
N ASP A 104 31.57 -3.55 -11.17
CA ASP A 104 30.99 -2.23 -11.02
C ASP A 104 29.92 -2.16 -9.93
N ILE A 105 30.19 -2.84 -8.81
CA ILE A 105 29.32 -2.84 -7.66
C ILE A 105 30.06 -2.01 -6.61
N ALA A 106 29.33 -1.43 -5.67
CA ALA A 106 29.97 -0.62 -4.64
C ALA A 106 29.02 -0.39 -3.49
N VAL A 107 29.48 -0.66 -2.28
CA VAL A 107 28.65 -0.46 -1.09
C VAL A 107 29.12 0.74 -0.27
N ILE A 108 28.14 1.44 0.30
CA ILE A 108 28.37 2.64 1.07
C ILE A 108 27.65 2.53 2.41
N LYS A 109 28.00 3.41 3.35
CA LYS A 109 27.40 3.38 4.69
C LYS A 109 27.09 4.76 5.30
N ILE A 110 25.86 4.90 5.75
CA ILE A 110 25.37 6.15 6.35
C ILE A 110 25.05 5.97 7.84
N LYS A 111 25.57 6.90 8.65
CA LYS A 111 25.37 6.87 10.08
C LYS A 111 23.89 6.99 10.45
N ALA A 112 23.41 6.06 11.27
CA ALA A 112 22.01 6.04 11.71
C ALA A 112 21.84 6.44 13.19
N SER A 113 22.16 7.71 13.48
CA SER A 113 22.10 8.28 14.83
C SER A 113 21.13 7.58 15.79
N ASP A 114 19.84 7.60 15.47
CA ASP A 114 18.83 6.98 16.32
C ASP A 114 18.04 5.89 15.58
N LYS A 115 17.12 6.32 14.73
CA LYS A 115 16.32 5.37 13.97
C LYS A 115 17.06 4.81 12.78
N LYS A 116 16.62 3.62 12.37
CA LYS A 116 17.21 2.96 11.23
C LYS A 116 16.50 3.48 9.99
N PHE A 117 17.00 3.09 8.82
CA PHE A 117 16.44 3.56 7.55
C PHE A 117 15.55 2.54 6.85
N PRO A 118 14.84 2.98 5.80
CA PRO A 118 13.97 2.08 5.03
C PRO A 118 14.89 1.33 4.08
N TYR A 119 14.53 0.10 3.71
CA TYR A 119 15.40 -0.66 2.83
C TYR A 119 14.66 -1.58 1.88
N LEU A 120 15.35 -1.92 0.79
CA LEU A 120 14.80 -2.81 -0.22
C LEU A 120 15.27 -4.23 0.05
N GLU A 121 14.55 -5.21 -0.47
CA GLU A 121 14.93 -6.61 -0.30
C GLU A 121 15.43 -7.17 -1.62
N PHE A 122 16.33 -8.15 -1.54
CA PHE A 122 16.88 -8.76 -2.74
C PHE A 122 15.96 -9.85 -3.28
N GLY A 123 15.90 -9.94 -4.60
CA GLY A 123 15.10 -10.98 -5.21
C GLY A 123 16.10 -12.06 -5.55
N ASP A 124 15.79 -12.86 -6.56
CA ASP A 124 16.69 -13.93 -6.98
C ASP A 124 16.86 -13.85 -8.48
N SER A 125 18.08 -13.57 -8.92
CA SER A 125 18.37 -13.46 -10.33
C SER A 125 18.14 -14.77 -11.06
N ASP A 126 18.52 -15.89 -10.43
CA ASP A 126 18.36 -17.20 -11.05
C ASP A 126 16.90 -17.54 -11.35
N LYS A 127 15.96 -16.84 -10.73
CA LYS A 127 14.55 -17.12 -10.95
C LYS A 127 13.83 -16.03 -11.76
N VAL A 128 14.57 -15.19 -12.47
CA VAL A 128 13.96 -14.14 -13.26
C VAL A 128 13.48 -14.72 -14.58
N LYS A 129 12.26 -14.37 -14.99
CA LYS A 129 11.70 -14.84 -16.27
C LYS A 129 11.76 -13.70 -17.30
N ILE A 130 12.14 -14.03 -18.53
CA ILE A 130 12.22 -13.00 -19.57
C ILE A 130 10.81 -12.62 -19.94
N GLY A 131 10.50 -11.32 -19.88
CA GLY A 131 9.17 -10.85 -20.20
C GLY A 131 8.50 -10.30 -18.96
N GLU A 132 9.17 -10.42 -17.82
CA GLU A 132 8.59 -9.92 -16.59
C GLU A 132 8.90 -8.44 -16.48
N TRP A 133 7.97 -7.68 -15.92
CA TRP A 133 8.17 -6.24 -15.78
C TRP A 133 9.31 -5.90 -14.85
N ALA A 134 10.12 -4.93 -15.27
CA ALA A 134 11.24 -4.45 -14.45
C ALA A 134 11.04 -2.93 -14.26
N ILE A 135 11.21 -2.46 -13.02
CA ILE A 135 11.01 -1.06 -12.77
C ILE A 135 12.33 -0.46 -12.34
N ALA A 136 12.86 0.46 -13.14
CA ALA A 136 14.13 1.10 -12.81
C ALA A 136 13.84 2.34 -11.99
N ILE A 137 14.51 2.51 -10.85
CA ILE A 137 14.27 3.70 -10.03
C ILE A 137 15.54 4.48 -9.83
N GLY A 138 15.44 5.80 -9.95
CA GLY A 138 16.61 6.65 -9.79
C GLY A 138 16.32 7.83 -8.89
N ASN A 139 17.34 8.60 -8.54
CA ASN A 139 17.11 9.73 -7.67
C ASN A 139 18.24 10.77 -7.65
N PRO A 140 18.85 11.02 -8.81
CA PRO A 140 19.95 11.99 -8.88
C PRO A 140 19.69 13.41 -8.34
N LEU A 141 18.43 13.84 -8.34
CA LEU A 141 18.11 15.17 -7.82
C LEU A 141 17.93 15.14 -6.31
N GLY A 142 17.63 13.96 -5.78
CA GLY A 142 17.45 13.79 -4.35
C GLY A 142 16.02 13.96 -3.85
N PHE A 143 15.38 15.05 -4.26
CA PHE A 143 14.02 15.38 -3.82
C PHE A 143 12.89 14.72 -4.59
N GLN A 144 13.25 13.90 -5.57
CA GLN A 144 12.26 13.17 -6.36
C GLN A 144 12.89 12.01 -7.11
N HIS A 145 12.14 10.93 -7.20
CA HIS A 145 12.57 9.71 -7.87
C HIS A 145 12.07 9.65 -9.33
N THR A 146 12.96 9.33 -10.26
CA THR A 146 12.61 9.19 -11.66
C THR A 146 12.33 7.69 -11.87
N VAL A 147 11.41 7.35 -12.78
CA VAL A 147 11.08 5.95 -13.02
C VAL A 147 10.88 5.60 -14.49
N THR A 148 11.37 4.43 -14.91
CA THR A 148 11.21 3.96 -16.28
C THR A 148 10.82 2.50 -16.19
N VAL A 149 9.93 2.08 -17.07
CA VAL A 149 9.43 0.73 -17.05
C VAL A 149 9.65 -0.01 -18.35
N GLY A 150 9.86 -1.30 -18.23
CA GLY A 150 10.09 -2.13 -19.38
C GLY A 150 9.90 -3.58 -18.96
N VAL A 151 10.71 -4.45 -19.53
CA VAL A 151 10.56 -5.85 -19.22
C VAL A 151 11.93 -6.52 -19.25
N VAL A 152 12.05 -7.72 -18.72
CA VAL A 152 13.38 -8.32 -18.80
C VAL A 152 13.52 -8.84 -20.21
N SER A 153 14.61 -8.46 -20.88
CA SER A 153 14.88 -8.82 -22.26
C SER A 153 15.78 -10.03 -22.42
N ALA A 154 16.78 -10.10 -21.57
CA ALA A 154 17.74 -11.18 -21.62
C ALA A 154 18.62 -11.13 -20.38
N THR A 155 19.24 -12.25 -20.05
CA THR A 155 20.10 -12.35 -18.89
C THR A 155 21.50 -12.65 -19.38
N ASN A 156 22.40 -12.80 -18.43
CA ASN A 156 23.80 -13.12 -18.72
C ASN A 156 24.33 -12.51 -20.01
N ARG A 157 24.27 -11.19 -20.15
CA ARG A 157 24.77 -10.59 -21.37
C ARG A 157 26.23 -10.18 -21.26
N ARG A 158 26.90 -10.12 -22.40
CA ARG A 158 28.31 -9.72 -22.48
C ARG A 158 28.40 -8.65 -23.55
N ILE A 159 28.89 -7.47 -23.16
CA ILE A 159 28.97 -6.39 -24.13
C ILE A 159 30.38 -5.85 -24.15
N PRO A 160 30.98 -5.74 -25.33
CA PRO A 160 32.34 -5.21 -25.36
C PRO A 160 32.30 -3.74 -25.05
N LYS A 161 33.08 -3.31 -24.07
CA LYS A 161 33.11 -1.89 -23.71
C LYS A 161 33.58 -1.11 -24.94
N PRO A 162 32.75 -0.16 -25.43
CA PRO A 162 33.19 0.60 -26.62
C PRO A 162 34.55 1.20 -26.32
N ASP A 163 34.93 1.09 -25.05
CA ASP A 163 36.20 1.57 -24.52
C ASP A 163 37.36 0.90 -25.25
N GLY A 164 37.16 -0.36 -25.63
CA GLY A 164 38.20 -1.12 -26.31
C GLY A 164 39.21 -1.61 -25.29
N SER A 165 38.74 -1.93 -24.09
CA SER A 165 39.65 -2.38 -23.06
C SER A 165 39.06 -3.42 -22.12
N GLY A 166 37.87 -3.89 -22.41
CA GLY A 166 37.28 -4.87 -21.53
C GLY A 166 35.90 -5.30 -21.99
N TYR A 167 35.13 -5.84 -21.07
CA TYR A 167 33.79 -6.31 -21.36
C TYR A 167 32.90 -6.09 -20.14
N TYR A 168 31.63 -5.80 -20.39
CA TYR A 168 30.66 -5.68 -19.31
C TYR A 168 30.14 -7.11 -19.40
N VAL A 169 30.04 -7.82 -18.28
CA VAL A 169 29.55 -9.21 -18.36
C VAL A 169 28.62 -9.68 -17.24
N GLY A 170 27.70 -10.57 -17.59
CA GLY A 170 26.74 -11.11 -16.63
C GLY A 170 25.54 -10.20 -16.42
N LEU A 171 25.37 -9.24 -17.32
CA LEU A 171 24.30 -8.25 -17.21
C LEU A 171 22.88 -8.66 -17.59
N ILE A 172 21.93 -8.07 -16.88
CA ILE A 172 20.52 -8.27 -17.18
C ILE A 172 20.19 -7.14 -18.14
N GLN A 173 19.42 -7.45 -19.17
CA GLN A 173 19.03 -6.46 -20.17
C GLN A 173 17.53 -6.14 -20.01
N THR A 174 17.16 -4.89 -20.30
CA THR A 174 15.76 -4.44 -20.21
C THR A 174 15.46 -3.44 -21.31
N ASP A 175 14.20 -3.32 -21.66
CA ASP A 175 13.84 -2.34 -22.66
C ASP A 175 13.40 -1.09 -21.86
N ALA A 176 13.64 -1.14 -20.54
CA ALA A 176 13.36 -0.01 -19.67
C ALA A 176 14.56 0.91 -19.83
N ALA A 177 14.33 2.20 -20.02
CA ALA A 177 15.45 3.11 -20.22
C ALA A 177 16.35 3.21 -18.99
N ILE A 178 17.65 2.97 -19.21
CA ILE A 178 18.67 3.04 -18.17
C ILE A 178 19.71 4.07 -18.62
N ASN A 179 20.05 4.99 -17.73
CA ASN A 179 21.02 6.03 -18.05
C ASN A 179 21.60 6.66 -16.79
N PRO A 180 22.59 7.57 -16.95
CA PRO A 180 23.21 8.22 -15.80
C PRO A 180 22.20 8.77 -14.80
N GLY A 181 20.96 8.91 -15.26
CA GLY A 181 19.92 9.43 -14.40
C GLY A 181 19.33 8.43 -13.45
N ASN A 182 19.68 7.15 -13.59
CA ASN A 182 19.17 6.13 -12.68
C ASN A 182 20.18 5.00 -12.46
N SER A 183 21.40 5.22 -12.95
CA SER A 183 22.52 4.29 -12.80
C SER A 183 22.71 4.22 -11.29
N GLY A 184 22.95 3.04 -10.74
CA GLY A 184 23.14 2.94 -9.30
C GLY A 184 21.84 2.72 -8.56
N GLY A 185 20.71 3.13 -9.13
CA GLY A 185 19.43 2.90 -8.47
C GLY A 185 19.06 1.42 -8.57
N PRO A 186 17.88 0.99 -8.11
CA PRO A 186 17.64 -0.44 -8.26
C PRO A 186 16.74 -0.78 -9.44
N LEU A 187 16.76 -2.05 -9.85
CA LEU A 187 15.91 -2.55 -10.93
C LEU A 187 15.01 -3.56 -10.20
N LEU A 188 13.72 -3.22 -10.04
CA LEU A 188 12.79 -4.09 -9.32
C LEU A 188 11.81 -4.97 -10.12
N ASN A 189 11.12 -5.82 -9.36
CA ASN A 189 10.09 -6.75 -9.83
C ASN A 189 8.74 -6.11 -9.66
N ILE A 190 7.70 -6.91 -9.85
CA ILE A 190 6.35 -6.44 -9.65
C ILE A 190 6.12 -6.74 -8.19
N HIS A 191 7.09 -7.44 -7.60
CA HIS A 191 7.02 -7.81 -6.20
C HIS A 191 7.83 -6.90 -5.27
N GLY A 192 8.49 -5.88 -5.82
CA GLY A 192 9.25 -4.98 -4.99
C GLY A 192 10.62 -5.52 -4.61
N GLU A 193 11.03 -6.60 -5.26
CA GLU A 193 12.32 -7.19 -4.95
C GLU A 193 13.40 -6.69 -5.90
N VAL A 194 14.57 -6.37 -5.37
CA VAL A 194 15.67 -5.89 -6.19
C VAL A 194 16.23 -7.05 -7.02
N ILE A 195 16.21 -6.92 -8.35
CA ILE A 195 16.75 -7.98 -9.19
C ILE A 195 18.06 -7.57 -9.85
N GLY A 196 18.47 -6.33 -9.65
CA GLY A 196 19.71 -5.87 -10.24
C GLY A 196 19.96 -4.42 -9.88
N ILE A 197 21.15 -3.95 -10.23
CA ILE A 197 21.55 -2.58 -9.96
C ILE A 197 21.69 -1.88 -11.32
N ASN A 198 20.75 -1.00 -11.64
CA ASN A 198 20.79 -0.27 -12.91
C ASN A 198 22.20 0.25 -13.15
N THR A 199 22.81 -0.09 -14.28
CA THR A 199 24.16 0.39 -14.55
C THR A 199 24.26 0.98 -15.95
N ALA A 200 24.71 2.24 -15.97
CA ALA A 200 24.86 2.98 -17.20
C ALA A 200 26.24 2.93 -17.83
N ILE A 201 27.26 2.39 -17.15
CA ILE A 201 28.59 2.36 -17.79
C ILE A 201 28.39 2.05 -19.28
N VAL A 202 27.43 1.17 -19.57
CA VAL A 202 27.12 0.85 -20.96
C VAL A 202 26.42 2.11 -21.43
N ASN A 203 27.22 3.15 -21.61
CA ASN A 203 26.82 4.49 -22.03
C ASN A 203 25.32 4.80 -22.23
N PRO A 204 24.67 4.19 -23.24
CA PRO A 204 25.11 3.25 -24.27
C PRO A 204 25.69 3.84 -25.58
N GLN A 205 25.73 5.18 -25.68
CA GLN A 205 26.24 5.88 -26.85
C GLN A 205 25.27 5.93 -28.04
N GLU A 206 24.38 6.93 -28.04
CA GLU A 206 23.41 7.15 -29.10
C GLU A 206 22.69 5.87 -29.56
N ALA A 207 22.37 4.97 -28.62
CA ALA A 207 21.66 3.73 -28.98
C ALA A 207 20.34 3.71 -28.22
N VAL A 208 19.42 2.85 -28.62
CA VAL A 208 18.11 2.82 -27.99
C VAL A 208 17.73 1.55 -27.23
N ASN A 209 16.65 1.68 -26.46
CA ASN A 209 16.07 0.61 -25.66
C ASN A 209 16.96 -0.50 -25.12
N LEU A 210 18.28 -0.32 -25.19
CA LEU A 210 19.20 -1.33 -24.69
C LEU A 210 19.70 -0.90 -23.32
N GLY A 211 19.05 -1.40 -22.27
CA GLY A 211 19.45 -1.05 -20.92
C GLY A 211 19.98 -2.29 -20.24
N PHE A 212 20.85 -2.10 -19.25
CA PHE A 212 21.42 -3.24 -18.53
C PHE A 212 21.50 -3.04 -17.04
N ALA A 213 21.60 -4.15 -16.31
CA ALA A 213 21.68 -4.10 -14.87
C ALA A 213 22.53 -5.26 -14.40
N ILE A 214 23.05 -5.11 -13.18
CA ILE A 214 23.89 -6.12 -12.56
C ILE A 214 22.97 -6.98 -11.69
N PRO A 215 22.92 -8.30 -11.93
CA PRO A 215 22.08 -9.23 -11.18
C PRO A 215 22.41 -9.18 -9.70
N ILE A 216 21.42 -9.15 -8.81
CA ILE A 216 21.74 -9.10 -7.38
C ILE A 216 22.48 -10.34 -6.90
N ASN A 217 22.16 -11.50 -7.47
CA ASN A 217 22.87 -12.71 -7.06
C ASN A 217 24.37 -12.48 -7.19
N THR A 218 24.75 -11.71 -8.19
CA THR A 218 26.16 -11.41 -8.37
C THR A 218 26.53 -10.45 -7.24
N VAL A 219 25.66 -9.49 -6.98
CA VAL A 219 25.89 -8.50 -5.93
C VAL A 219 26.03 -9.18 -4.56
N LYS A 220 25.20 -10.21 -4.32
CA LYS A 220 25.24 -10.96 -3.07
C LYS A 220 26.61 -11.64 -2.90
N LYS A 221 27.10 -12.26 -3.97
CA LYS A 221 28.40 -12.91 -3.90
C LYS A 221 29.45 -11.85 -3.61
N PHE A 222 29.20 -10.61 -4.00
CA PHE A 222 30.17 -9.55 -3.74
C PHE A 222 30.05 -9.14 -2.28
N LEU A 223 28.84 -8.77 -1.89
CA LEU A 223 28.60 -8.36 -0.52
C LEU A 223 29.24 -9.32 0.46
N ASP A 224 29.06 -10.61 0.22
CA ASP A 224 29.63 -11.60 1.12
C ASP A 224 31.15 -11.49 1.30
N THR A 225 31.84 -10.85 0.36
CA THR A 225 33.29 -10.70 0.47
C THR A 225 33.65 -9.46 1.29
N ILE A 226 32.63 -8.70 1.68
CA ILE A 226 32.84 -7.49 2.48
C ILE A 226 31.98 -7.62 3.73
N LEU A 227 31.75 -8.87 4.14
CA LEU A 227 30.94 -9.14 5.32
C LEU A 227 31.65 -8.68 6.58
N THR A 228 30.86 -8.20 7.54
CA THR A 228 31.35 -7.70 8.83
C THR A 228 32.32 -8.70 9.50
N ASP B 1 1.07 -9.61 -4.36
CA ASP B 1 1.75 -8.67 -3.40
C ASP B 1 1.18 -7.29 -3.67
N TYR B 2 1.28 -6.85 -4.91
CA TYR B 2 0.73 -5.56 -5.32
C TYR B 2 -0.22 -5.88 -6.46
N GLU B 3 -0.28 -7.16 -6.79
CA GLU B 3 -1.12 -7.70 -7.87
C GLU B 3 -2.59 -7.76 -7.48
N SER B 4 -2.83 -7.95 -6.19
CA SER B 4 -4.19 -8.08 -5.70
C SER B 4 -4.77 -6.79 -5.16
N PRO B 5 -5.60 -6.12 -5.95
CA PRO B 5 -6.25 -4.86 -5.58
C PRO B 5 -7.31 -5.04 -4.52
N ILE B 6 -7.94 -6.21 -4.47
CA ILE B 6 -8.95 -6.46 -3.45
C ILE B 6 -8.23 -6.63 -2.14
N VAL B 7 -7.08 -7.31 -2.18
CA VAL B 7 -6.31 -7.51 -0.97
C VAL B 7 -5.87 -6.17 -0.43
N ASN B 8 -5.39 -5.31 -1.32
CA ASN B 8 -4.93 -3.98 -0.96
C ASN B 8 -6.02 -3.21 -0.23
N VAL B 9 -7.18 -3.07 -0.89
CA VAL B 9 -8.32 -2.37 -0.28
C VAL B 9 -8.55 -2.86 1.14
N VAL B 10 -8.62 -4.18 1.30
CA VAL B 10 -8.84 -4.76 2.60
C VAL B 10 -7.81 -4.25 3.60
N GLU B 11 -6.54 -4.30 3.22
CA GLU B 11 -5.46 -3.85 4.10
C GLU B 11 -5.63 -2.39 4.49
N ALA B 12 -5.99 -1.55 3.53
CA ALA B 12 -6.17 -0.14 3.80
C ALA B 12 -7.37 0.23 4.65
N CYS B 13 -8.54 -0.33 4.36
CA CYS B 13 -9.75 0.02 5.09
C CYS B 13 -10.07 -0.81 6.35
N ALA B 14 -9.52 -2.01 6.46
CA ALA B 14 -9.79 -2.88 7.60
C ALA B 14 -9.56 -2.24 8.97
N PRO B 15 -8.40 -1.58 9.16
CA PRO B 15 -8.14 -0.97 10.46
C PRO B 15 -9.31 -0.12 10.99
N ALA B 16 -10.13 0.39 10.07
CA ALA B 16 -11.28 1.24 10.43
C ALA B 16 -12.59 0.49 10.64
N VAL B 17 -12.60 -0.81 10.33
CA VAL B 17 -13.81 -1.60 10.51
C VAL B 17 -13.77 -2.12 11.92
N VAL B 18 -14.84 -1.86 12.66
CA VAL B 18 -14.88 -2.24 14.06
C VAL B 18 -16.00 -3.18 14.52
N LYS B 19 -15.78 -3.81 15.67
CA LYS B 19 -16.73 -4.72 16.29
C LYS B 19 -17.68 -3.90 17.17
N ILE B 20 -18.88 -4.42 17.42
CA ILE B 20 -19.87 -3.70 18.22
C ILE B 20 -20.75 -4.67 19.01
N ASP B 21 -20.91 -4.39 20.30
CA ASP B 21 -21.72 -5.25 21.17
C ASP B 21 -22.36 -4.49 22.34
N VAL B 22 -23.52 -4.97 22.75
CA VAL B 22 -24.27 -4.40 23.87
C VAL B 22 -24.60 -5.53 24.83
N VAL B 23 -24.44 -5.26 26.12
CA VAL B 23 -24.70 -6.22 27.19
C VAL B 23 -26.13 -6.22 27.69
N LYS B 24 -26.62 -7.36 28.19
CA LYS B 24 -27.99 -7.44 28.70
C LYS B 24 -28.12 -6.64 30.00
N THR B 25 -29.31 -6.08 30.23
CA THR B 25 -29.57 -5.26 31.42
C THR B 25 -30.76 -5.72 32.27
N THR B 28 -34.42 -4.19 28.77
CA THR B 28 -33.54 -5.05 27.92
C THR B 28 -34.21 -5.23 26.55
N SER B 29 -35.02 -4.24 26.18
CA SER B 29 -35.72 -4.27 24.90
C SER B 29 -34.74 -3.93 23.77
N PHE B 30 -33.55 -3.47 24.15
CA PHE B 30 -32.52 -3.09 23.18
C PHE B 30 -31.95 -4.25 22.37
N PHE B 31 -32.40 -5.48 22.63
CA PHE B 31 -31.90 -6.64 21.90
C PHE B 31 -32.48 -6.76 20.49
N ASP B 32 -31.65 -7.26 19.58
CA ASP B 32 -32.05 -7.41 18.19
C ASP B 32 -31.93 -8.84 17.68
N PRO B 33 -33.03 -9.34 17.09
CA PRO B 33 -33.29 -10.66 16.50
C PRO B 33 -32.38 -11.16 15.39
N TYR B 34 -31.39 -10.37 14.98
CA TYR B 34 -30.54 -10.80 13.88
C TYR B 34 -29.26 -11.57 14.21
N PHE B 35 -28.35 -10.96 14.96
CA PHE B 35 -27.09 -11.61 15.32
C PHE B 35 -27.22 -12.99 15.99
N GLU B 36 -28.23 -13.12 16.85
CA GLU B 36 -28.45 -14.32 17.64
C GLU B 36 -28.18 -15.72 17.07
N GLN B 37 -29.09 -16.21 16.25
CA GLN B 37 -28.92 -17.56 15.71
C GLN B 37 -27.72 -17.73 14.82
N PHE B 38 -27.39 -16.73 14.02
CA PHE B 38 -26.24 -16.87 13.15
C PHE B 38 -24.96 -17.08 13.95
N PHE B 39 -24.72 -16.19 14.92
CA PHE B 39 -23.52 -16.33 15.72
C PHE B 39 -23.44 -17.64 16.48
N LYS B 40 -24.54 -18.04 17.12
CA LYS B 40 -24.53 -19.28 17.87
C LYS B 40 -24.18 -20.47 16.97
N LYS B 41 -24.76 -20.49 15.78
CA LYS B 41 -24.50 -21.58 14.85
C LYS B 41 -23.11 -21.58 14.19
N TRP B 42 -22.56 -20.41 13.92
CA TRP B 42 -21.29 -20.38 13.22
C TRP B 42 -20.01 -19.93 13.91
N PHE B 43 -20.11 -19.32 15.09
CA PHE B 43 -18.90 -18.90 15.80
C PHE B 43 -18.61 -19.72 17.06
N GLY B 44 -17.56 -20.51 16.97
CA GLY B 44 -17.16 -21.37 18.07
C GLY B 44 -16.26 -20.58 18.98
N GLU B 45 -15.84 -19.42 18.48
CA GLU B 45 -14.98 -18.51 19.22
C GLU B 45 -15.72 -17.96 20.43
N LEU B 46 -17.05 -18.02 20.36
CA LEU B 46 -17.92 -17.55 21.44
C LEU B 46 -18.36 -18.66 22.39
N PRO B 47 -18.53 -18.33 23.69
CA PRO B 47 -18.94 -19.27 24.74
C PRO B 47 -20.36 -19.79 24.58
N PRO B 48 -20.59 -21.08 24.86
CA PRO B 48 -21.93 -21.65 24.72
C PRO B 48 -23.03 -20.89 25.47
N GLY B 49 -22.65 -19.80 26.12
CA GLY B 49 -23.62 -19.00 26.84
C GLY B 49 -23.30 -17.52 26.76
N PHE B 50 -23.26 -16.97 25.56
CA PHE B 50 -22.94 -15.57 25.37
C PHE B 50 -24.21 -14.72 25.23
N GLU B 51 -25.27 -15.34 24.72
CA GLU B 51 -26.55 -14.67 24.53
C GLU B 51 -26.99 -13.94 25.79
N ARG B 52 -26.73 -14.55 26.94
CA ARG B 52 -27.09 -13.97 28.23
C ARG B 52 -26.42 -12.64 28.47
N GLN B 53 -25.11 -12.61 28.29
CA GLN B 53 -24.32 -11.41 28.54
C GLN B 53 -24.31 -10.37 27.43
N VAL B 54 -24.46 -10.83 26.19
CA VAL B 54 -24.47 -9.92 25.04
C VAL B 54 -25.84 -9.96 24.39
N ALA B 55 -26.37 -8.79 24.02
CA ALA B 55 -27.67 -8.73 23.39
C ALA B 55 -27.62 -8.24 21.96
N SER B 56 -26.41 -8.05 21.43
CA SER B 56 -26.26 -7.59 20.06
C SER B 56 -24.83 -7.36 19.60
N LEU B 57 -24.40 -8.13 18.60
CA LEU B 57 -23.07 -7.97 18.02
C LEU B 57 -23.30 -7.36 16.65
N GLY B 58 -22.22 -6.91 16.03
CA GLY B 58 -22.35 -6.32 14.72
C GLY B 58 -21.04 -5.67 14.37
N SER B 59 -21.00 -5.05 13.20
CA SER B 59 -19.78 -4.40 12.79
C SER B 59 -20.09 -2.92 12.58
N GLY B 60 -19.03 -2.15 12.37
CA GLY B 60 -19.17 -0.72 12.17
C GLY B 60 -17.85 -0.27 11.61
N PHE B 61 -17.77 1.00 11.23
CA PHE B 61 -16.53 1.55 10.69
C PHE B 61 -16.50 3.03 10.99
N ILE B 62 -15.29 3.58 11.04
CA ILE B 62 -15.10 4.98 11.35
C ILE B 62 -15.01 5.84 10.11
N PHE B 63 -15.88 6.85 10.04
CA PHE B 63 -15.90 7.73 8.89
C PHE B 63 -15.29 9.10 9.18
N ASP B 64 -14.73 9.25 10.38
CA ASP B 64 -14.11 10.51 10.78
C ASP B 64 -12.75 10.23 11.38
N PRO B 65 -11.88 11.25 11.39
CA PRO B 65 -10.56 11.02 11.98
C PRO B 65 -10.67 11.15 13.50
N GLU B 66 -11.77 11.77 13.97
CA GLU B 66 -11.99 11.98 15.39
C GLU B 66 -12.98 11.06 16.12
N GLY B 67 -13.26 9.88 15.55
CA GLY B 67 -14.13 8.94 16.26
C GLY B 67 -15.60 8.66 15.96
N TYR B 68 -16.13 9.15 14.84
CA TYR B 68 -17.52 8.84 14.55
C TYR B 68 -17.64 7.50 13.81
N ILE B 69 -18.64 6.72 14.19
CA ILE B 69 -18.88 5.39 13.63
C ILE B 69 -20.29 5.18 13.07
N LEU B 70 -20.35 4.52 11.93
CA LEU B 70 -21.63 4.20 11.30
C LEU B 70 -21.87 2.70 11.49
N THR B 71 -23.15 2.34 11.55
CA THR B 71 -23.55 0.95 11.71
C THR B 71 -25.03 0.84 11.44
N ASN B 72 -25.66 -0.24 11.88
CA ASN B 72 -27.08 -0.45 11.65
C ASN B 72 -27.93 -0.05 12.82
N TYR B 73 -29.13 0.46 12.56
CA TYR B 73 -29.98 0.85 13.68
C TYR B 73 -30.24 -0.40 14.52
N HIS B 74 -30.55 -1.53 13.89
CA HIS B 74 -30.81 -2.73 14.69
C HIS B 74 -29.58 -3.19 15.45
N VAL B 75 -28.40 -2.76 15.05
CA VAL B 75 -27.20 -3.18 15.78
C VAL B 75 -26.99 -2.37 17.06
N VAL B 76 -27.62 -1.20 17.13
CA VAL B 76 -27.46 -0.31 18.29
C VAL B 76 -28.74 0.41 18.79
N GLY B 77 -29.88 0.13 18.14
CA GLY B 77 -31.18 0.71 18.47
C GLY B 77 -31.29 1.59 19.71
N GLY B 78 -31.99 1.09 20.72
CA GLY B 78 -32.13 1.83 21.97
C GLY B 78 -31.07 1.32 22.94
N ALA B 79 -29.91 1.02 22.40
CA ALA B 79 -28.80 0.51 23.18
C ALA B 79 -28.44 1.50 24.27
N ASP B 80 -28.54 1.07 25.52
CA ASP B 80 -28.22 1.92 26.66
C ASP B 80 -26.86 1.50 27.19
N ASN B 81 -26.06 0.96 26.27
CA ASN B 81 -24.71 0.47 26.54
C ASN B 81 -24.15 0.03 25.19
N ILE B 82 -22.96 0.49 24.84
CA ILE B 82 -22.38 0.12 23.56
C ILE B 82 -20.88 0.06 23.68
N THR B 83 -20.31 -1.06 23.27
CA THR B 83 -18.87 -1.25 23.31
C THR B 83 -18.30 -1.39 21.90
N VAL B 84 -17.20 -0.69 21.66
CA VAL B 84 -16.55 -0.76 20.37
C VAL B 84 -15.17 -1.39 20.54
N THR B 85 -14.86 -2.40 19.72
CA THR B 85 -13.59 -3.09 19.79
C THR B 85 -12.85 -3.00 18.46
N MET B 86 -11.68 -2.38 18.47
CA MET B 86 -10.89 -2.23 17.24
C MET B 86 -9.87 -3.34 17.06
N LEU B 87 -9.40 -3.51 15.83
CA LEU B 87 -8.43 -4.55 15.54
C LEU B 87 -7.19 -4.57 16.44
N ASP B 88 -6.62 -3.41 16.72
CA ASP B 88 -5.42 -3.35 17.57
C ASP B 88 -5.63 -3.96 18.97
N GLY B 89 -6.87 -3.96 19.46
CA GLY B 89 -7.15 -4.53 20.76
C GLY B 89 -7.87 -3.57 21.69
N SER B 90 -7.61 -2.27 21.50
CA SER B 90 -8.23 -1.26 22.33
C SER B 90 -9.74 -1.28 22.21
N LYS B 91 -10.41 -1.18 23.35
CA LYS B 91 -11.86 -1.17 23.36
C LYS B 91 -12.31 0.19 23.89
N TYR B 92 -13.55 0.57 23.61
CA TYR B 92 -14.06 1.87 24.03
C TYR B 92 -15.56 1.80 24.31
N ASP B 93 -16.05 2.76 25.09
CA ASP B 93 -17.49 2.85 25.37
C ASP B 93 -17.99 3.82 24.29
N ALA B 94 -19.23 3.69 23.88
CA ALA B 94 -19.75 4.54 22.83
C ALA B 94 -21.12 5.16 23.09
N GLU B 95 -21.28 6.40 22.66
CA GLU B 95 -22.55 7.10 22.83
C GLU B 95 -23.35 7.06 21.54
N TYR B 96 -24.61 6.64 21.64
CA TYR B 96 -25.49 6.58 20.50
C TYR B 96 -25.75 8.03 20.09
N ILE B 97 -25.35 8.40 18.87
CA ILE B 97 -25.52 9.77 18.41
C ILE B 97 -26.82 10.06 17.65
N GLY B 98 -27.42 9.04 17.05
CA GLY B 98 -28.66 9.24 16.32
C GLY B 98 -28.90 8.15 15.31
N GLY B 99 -30.10 8.10 14.74
CA GLY B 99 -30.39 7.09 13.76
C GLY B 99 -31.78 7.17 13.16
N ASP B 100 -32.01 6.31 12.16
CA ASP B 100 -33.28 6.23 11.46
C ASP B 100 -33.60 4.76 11.24
N GLU B 101 -34.32 4.19 12.18
CA GLU B 101 -34.70 2.78 12.14
C GLU B 101 -35.21 2.26 10.80
N GLU B 102 -36.00 3.07 10.10
CA GLU B 102 -36.56 2.65 8.82
C GLU B 102 -35.50 2.49 7.72
N LEU B 103 -34.36 3.16 7.90
CA LEU B 103 -33.26 3.08 6.95
C LEU B 103 -32.19 2.14 7.49
N ASP B 104 -32.28 1.86 8.78
CA ASP B 104 -31.37 0.99 9.49
C ASP B 104 -29.95 1.55 9.53
N ILE B 105 -29.87 2.86 9.70
CA ILE B 105 -28.60 3.56 9.77
C ILE B 105 -28.41 4.04 11.20
N ALA B 106 -27.16 4.16 11.63
CA ALA B 106 -26.89 4.61 12.97
C ALA B 106 -25.48 5.13 13.11
N VAL B 107 -25.36 6.28 13.75
CA VAL B 107 -24.06 6.91 13.98
C VAL B 107 -23.73 6.71 15.46
N ILE B 108 -22.45 6.48 15.75
CA ILE B 108 -21.98 6.25 17.11
C ILE B 108 -20.69 7.04 17.32
N LYS B 109 -20.34 7.36 18.57
CA LYS B 109 -19.15 8.16 18.86
C LYS B 109 -18.11 7.50 19.79
N ILE B 110 -16.83 7.66 19.44
CA ILE B 110 -15.74 7.13 20.24
C ILE B 110 -14.75 8.24 20.61
N LYS B 111 -14.53 8.39 21.92
CA LYS B 111 -13.63 9.39 22.47
C LYS B 111 -12.14 9.11 22.28
N ALA B 112 -11.47 9.98 21.52
CA ALA B 112 -10.04 9.83 21.29
C ALA B 112 -9.32 10.86 22.16
N SER B 113 -8.22 10.46 22.80
CA SER B 113 -7.48 11.40 23.66
C SER B 113 -6.38 12.08 22.83
N ASP B 114 -5.24 11.40 22.68
CA ASP B 114 -4.13 11.96 21.90
C ASP B 114 -4.26 11.70 20.39
N LYS B 115 -3.83 10.52 19.95
CA LYS B 115 -3.89 10.13 18.54
C LYS B 115 -5.30 10.01 17.98
N LYS B 116 -5.42 10.10 16.66
CA LYS B 116 -6.72 9.98 16.02
C LYS B 116 -6.85 8.76 15.11
N PHE B 117 -8.05 8.19 15.14
CA PHE B 117 -8.40 6.98 14.40
C PHE B 117 -8.32 7.03 12.89
N PRO B 118 -8.17 5.85 12.26
CA PRO B 118 -8.10 5.72 10.81
C PRO B 118 -9.56 5.66 10.40
N TYR B 119 -9.93 6.27 9.29
CA TYR B 119 -11.32 6.25 8.87
C TYR B 119 -11.46 5.95 7.38
N LEU B 120 -12.70 5.64 6.98
CA LEU B 120 -13.04 5.31 5.60
C LEU B 120 -13.65 6.51 4.89
N GLU B 121 -13.48 6.56 3.57
CA GLU B 121 -14.00 7.69 2.82
C GLU B 121 -15.20 7.27 1.98
N PHE B 122 -16.19 8.16 1.89
CA PHE B 122 -17.41 7.88 1.14
C PHE B 122 -17.23 8.06 -0.35
N GLY B 123 -18.12 7.45 -1.12
CA GLY B 123 -18.09 7.57 -2.56
C GLY B 123 -19.44 8.12 -3.01
N ASP B 124 -19.77 7.96 -4.28
CA ASP B 124 -21.05 8.46 -4.79
C ASP B 124 -21.96 7.34 -5.33
N SER B 125 -22.98 7.00 -4.55
CA SER B 125 -23.95 5.97 -4.91
C SER B 125 -24.39 6.10 -6.37
N ASP B 126 -24.54 7.32 -6.85
CA ASP B 126 -24.97 7.53 -8.23
C ASP B 126 -23.91 7.15 -9.26
N LYS B 127 -22.64 7.33 -8.91
CA LYS B 127 -21.55 6.99 -9.81
C LYS B 127 -21.29 5.48 -9.78
N VAL B 128 -22.06 4.76 -8.96
CA VAL B 128 -21.90 3.32 -8.82
C VAL B 128 -22.38 2.59 -10.06
N LYS B 129 -21.52 1.73 -10.59
CA LYS B 129 -21.82 0.95 -11.77
C LYS B 129 -22.19 -0.51 -11.46
N ILE B 130 -23.29 -0.96 -12.07
CA ILE B 130 -23.74 -2.32 -11.88
C ILE B 130 -22.73 -3.23 -12.56
N GLY B 131 -22.18 -4.14 -11.78
CA GLY B 131 -21.18 -5.07 -12.30
C GLY B 131 -19.82 -4.88 -11.65
N GLU B 132 -19.58 -3.76 -10.96
CA GLU B 132 -18.28 -3.50 -10.29
C GLU B 132 -18.11 -4.38 -9.06
N TRP B 133 -16.88 -4.60 -8.64
CA TRP B 133 -16.62 -5.42 -7.46
C TRP B 133 -17.13 -4.79 -6.19
N ALA B 134 -17.62 -5.61 -5.28
CA ALA B 134 -18.11 -5.08 -4.01
C ALA B 134 -17.37 -5.86 -2.95
N ILE B 135 -16.70 -5.13 -2.05
CA ILE B 135 -15.92 -5.73 -0.96
C ILE B 135 -16.52 -5.42 0.40
N ALA B 136 -17.20 -6.40 0.99
CA ALA B 136 -17.82 -6.23 2.30
C ALA B 136 -16.91 -6.67 3.43
N ILE B 137 -16.57 -5.74 4.31
CA ILE B 137 -15.70 -6.05 5.45
C ILE B 137 -16.46 -6.05 6.79
N GLY B 138 -16.07 -6.95 7.69
CA GLY B 138 -16.75 -6.99 8.98
C GLY B 138 -15.82 -7.30 10.12
N ASN B 139 -16.29 -7.12 11.34
CA ASN B 139 -15.49 -7.42 12.54
C ASN B 139 -16.34 -8.23 13.52
N PRO B 140 -16.68 -9.47 13.14
CA PRO B 140 -17.49 -10.26 14.06
C PRO B 140 -16.94 -10.31 15.48
N LEU B 141 -15.68 -10.73 15.64
CA LEU B 141 -15.07 -10.89 16.97
C LEU B 141 -14.14 -9.77 17.47
N GLY B 142 -13.90 -8.76 16.63
CA GLY B 142 -13.05 -7.67 17.04
C GLY B 142 -11.58 -7.81 16.69
N PHE B 143 -11.02 -9.01 16.84
CA PHE B 143 -9.59 -9.20 16.57
C PHE B 143 -9.19 -9.61 15.16
N GLN B 144 -10.15 -9.71 14.25
CA GLN B 144 -9.83 -10.09 12.85
C GLN B 144 -10.92 -9.62 11.89
N HIS B 145 -10.49 -8.92 10.83
CA HIS B 145 -11.44 -8.46 9.84
C HIS B 145 -11.90 -9.68 9.05
N THR B 146 -13.14 -9.64 8.63
CA THR B 146 -13.74 -10.73 7.89
C THR B 146 -14.03 -10.14 6.50
N VAL B 147 -13.87 -10.94 5.43
CA VAL B 147 -14.11 -10.43 4.09
C VAL B 147 -14.83 -11.36 3.11
N THR B 148 -15.75 -10.79 2.34
CA THR B 148 -16.47 -11.54 1.33
C THR B 148 -16.59 -10.63 0.11
N VAL B 149 -16.36 -11.21 -1.06
CA VAL B 149 -16.39 -10.43 -2.28
C VAL B 149 -17.41 -10.83 -3.33
N GLY B 150 -18.04 -9.82 -3.90
CA GLY B 150 -19.02 -10.06 -4.93
C GLY B 150 -19.06 -8.91 -5.91
N VAL B 151 -20.24 -8.61 -6.42
CA VAL B 151 -20.38 -7.56 -7.38
C VAL B 151 -21.70 -6.80 -7.17
N VAL B 152 -21.73 -5.52 -7.48
CA VAL B 152 -22.97 -4.78 -7.35
C VAL B 152 -24.00 -5.36 -8.33
N SER B 153 -25.02 -6.02 -7.81
CA SER B 153 -26.05 -6.65 -8.65
C SER B 153 -27.14 -5.70 -9.15
N ALA B 154 -27.67 -4.89 -8.25
CA ALA B 154 -28.74 -3.96 -8.56
C ALA B 154 -28.65 -2.84 -7.56
N THR B 155 -29.29 -1.73 -7.87
CA THR B 155 -29.29 -0.60 -6.96
C THR B 155 -30.73 -0.17 -6.82
N ASN B 156 -31.00 0.73 -5.89
CA ASN B 156 -32.35 1.23 -5.67
C ASN B 156 -33.41 0.15 -5.53
N ARG B 157 -33.07 -0.95 -4.88
CA ARG B 157 -34.00 -2.06 -4.71
C ARG B 157 -34.97 -1.88 -3.56
N ARG B 158 -36.14 -2.47 -3.70
CA ARG B 158 -37.22 -2.40 -2.70
C ARG B 158 -37.60 -3.83 -2.31
N ILE B 159 -37.50 -4.15 -1.03
CA ILE B 159 -37.80 -5.48 -0.53
C ILE B 159 -38.89 -5.48 0.54
N PRO B 160 -39.80 -6.46 0.48
CA PRO B 160 -40.90 -6.61 1.43
C PRO B 160 -40.52 -7.37 2.70
N LYS B 161 -40.64 -6.69 3.85
CA LYS B 161 -40.33 -7.27 5.16
C LYS B 161 -41.15 -8.55 5.30
N PRO B 162 -40.50 -9.68 5.63
CA PRO B 162 -41.20 -10.97 5.78
C PRO B 162 -42.37 -10.84 6.75
N ASP B 163 -42.22 -9.85 7.64
CA ASP B 163 -43.21 -9.48 8.65
C ASP B 163 -44.54 -9.25 7.91
N GLY B 164 -44.46 -8.40 6.90
CA GLY B 164 -45.61 -8.06 6.08
C GLY B 164 -46.11 -6.68 6.43
N SER B 165 -45.34 -5.99 7.27
CA SER B 165 -45.70 -4.64 7.73
C SER B 165 -45.23 -3.47 6.85
N GLY B 166 -44.21 -3.67 6.04
CA GLY B 166 -43.74 -2.57 5.21
C GLY B 166 -42.69 -2.96 4.19
N TYR B 167 -41.75 -2.03 3.92
CA TYR B 167 -40.70 -2.27 2.95
C TYR B 167 -39.37 -1.68 3.33
N TYR B 168 -38.30 -2.32 2.86
CA TYR B 168 -36.94 -1.80 3.05
C TYR B 168 -36.75 -1.20 1.65
N VAL B 169 -36.21 0.02 1.56
CA VAL B 169 -36.07 0.62 0.24
C VAL B 169 -34.71 1.19 -0.14
N GLY B 170 -34.61 1.56 -1.42
CA GLY B 170 -33.41 2.13 -2.01
C GLY B 170 -32.12 1.37 -1.82
N LEU B 171 -32.22 0.09 -1.51
CA LEU B 171 -31.05 -0.74 -1.24
C LEU B 171 -30.22 -1.14 -2.43
N ILE B 172 -28.94 -1.40 -2.15
CA ILE B 172 -28.04 -1.91 -3.18
C ILE B 172 -28.06 -3.42 -2.96
N GLN B 173 -27.99 -4.17 -4.05
CA GLN B 173 -28.00 -5.62 -3.99
C GLN B 173 -26.65 -6.16 -4.45
N THR B 174 -26.10 -7.15 -3.73
CA THR B 174 -24.81 -7.73 -4.14
C THR B 174 -24.91 -9.21 -4.13
N ASP B 175 -24.07 -9.86 -4.93
CA ASP B 175 -24.04 -11.31 -4.94
C ASP B 175 -22.88 -11.64 -4.03
N ALA B 176 -22.54 -10.67 -3.18
CA ALA B 176 -21.47 -10.80 -2.19
C ALA B 176 -22.09 -11.12 -0.83
N ALA B 177 -21.58 -12.17 -0.17
CA ALA B 177 -22.10 -12.59 1.13
C ALA B 177 -22.27 -11.52 2.21
N ILE B 178 -23.53 -11.31 2.61
CA ILE B 178 -23.90 -10.33 3.63
C ILE B 178 -24.72 -11.03 4.73
N ASN B 179 -24.20 -11.00 5.95
CA ASN B 179 -24.80 -11.64 7.13
C ASN B 179 -24.46 -10.89 8.42
N PRO B 180 -24.98 -11.38 9.57
CA PRO B 180 -24.69 -10.71 10.85
C PRO B 180 -23.19 -10.64 11.13
N GLY B 181 -22.40 -11.44 10.42
CA GLY B 181 -20.97 -11.41 10.61
C GLY B 181 -20.32 -10.14 10.12
N ASN B 182 -20.95 -9.47 9.16
CA ASN B 182 -20.38 -8.23 8.65
C ASN B 182 -21.40 -7.10 8.59
N SER B 183 -22.63 -7.36 9.01
CA SER B 183 -23.66 -6.33 9.00
C SER B 183 -23.11 -5.10 9.76
N GLY B 184 -23.50 -3.91 9.33
CA GLY B 184 -23.00 -2.71 9.99
C GLY B 184 -21.63 -2.31 9.44
N GLY B 185 -20.91 -3.29 8.89
CA GLY B 185 -19.62 -3.00 8.32
C GLY B 185 -19.81 -2.28 7.00
N PRO B 186 -18.70 -1.94 6.32
CA PRO B 186 -18.75 -1.24 5.04
C PRO B 186 -18.84 -2.11 3.78
N LEU B 187 -19.49 -1.60 2.75
CA LEU B 187 -19.56 -2.29 1.48
C LEU B 187 -18.60 -1.45 0.66
N LEU B 188 -17.36 -1.89 0.60
CA LEU B 188 -16.32 -1.19 -0.12
C LEU B 188 -16.38 -1.22 -1.64
N ASN B 189 -15.54 -0.37 -2.19
CA ASN B 189 -15.35 -0.09 -3.60
C ASN B 189 -14.06 -0.79 -4.03
N ILE B 190 -13.71 -0.69 -5.31
CA ILE B 190 -12.43 -1.27 -5.76
C ILE B 190 -11.43 -0.16 -5.54
N HIS B 191 -11.95 0.99 -5.12
CA HIS B 191 -11.14 2.15 -4.84
C HIS B 191 -11.17 2.46 -3.36
N GLY B 192 -11.52 1.45 -2.57
CA GLY B 192 -11.56 1.65 -1.13
C GLY B 192 -12.60 2.64 -0.67
N GLU B 193 -13.46 3.10 -1.59
CA GLU B 193 -14.52 4.03 -1.22
C GLU B 193 -15.68 3.25 -0.63
N VAL B 194 -16.41 3.85 0.30
CA VAL B 194 -17.53 3.15 0.92
C VAL B 194 -18.79 3.39 0.10
N ILE B 195 -19.27 2.37 -0.62
CA ILE B 195 -20.48 2.59 -1.38
C ILE B 195 -21.72 2.22 -0.58
N GLY B 196 -21.50 1.77 0.65
CA GLY B 196 -22.64 1.41 1.49
C GLY B 196 -22.38 0.81 2.86
N ILE B 197 -23.46 0.62 3.59
CA ILE B 197 -23.42 0.01 4.92
C ILE B 197 -24.18 -1.30 4.75
N ASN B 198 -23.56 -2.41 5.12
CA ASN B 198 -24.21 -3.71 4.99
C ASN B 198 -25.33 -3.89 6.01
N THR B 199 -26.46 -4.46 5.59
CA THR B 199 -27.54 -4.74 6.55
C THR B 199 -28.12 -6.10 6.21
N ALA B 200 -28.23 -6.92 7.24
CA ALA B 200 -28.77 -8.24 7.08
C ALA B 200 -30.28 -8.23 7.25
N ILE B 201 -30.82 -7.22 7.93
CA ILE B 201 -32.28 -7.14 8.13
C ILE B 201 -33.12 -7.45 6.90
N VAL B 202 -32.57 -7.14 5.72
CA VAL B 202 -33.29 -7.38 4.47
C VAL B 202 -33.33 -8.86 4.14
N ASN B 203 -32.31 -9.60 4.58
CA ASN B 203 -32.22 -11.03 4.36
C ASN B 203 -31.64 -11.74 5.61
N PRO B 204 -32.43 -11.80 6.69
CA PRO B 204 -32.11 -12.40 7.99
C PRO B 204 -31.63 -13.84 7.93
N GLN B 205 -32.34 -14.67 7.16
CA GLN B 205 -31.96 -16.06 7.05
C GLN B 205 -30.67 -16.11 6.29
N GLU B 206 -30.26 -14.94 5.80
CA GLU B 206 -29.03 -14.84 5.01
C GLU B 206 -29.05 -15.91 3.93
N ALA B 207 -30.17 -16.01 3.25
CA ALA B 207 -30.38 -17.03 2.21
C ALA B 207 -30.42 -16.63 0.72
N VAL B 208 -29.62 -17.33 -0.08
CA VAL B 208 -29.55 -17.15 -1.53
C VAL B 208 -28.65 -16.06 -2.10
N ASN B 209 -27.38 -16.08 -1.71
CA ASN B 209 -26.41 -15.10 -2.23
C ASN B 209 -27.06 -13.76 -2.58
N LEU B 210 -28.02 -13.38 -1.75
CA LEU B 210 -28.75 -12.13 -1.89
C LEU B 210 -28.36 -11.27 -0.71
N GLY B 211 -27.43 -10.34 -0.93
CA GLY B 211 -26.99 -9.46 0.13
C GLY B 211 -27.38 -8.04 -0.22
N PHE B 212 -27.55 -7.19 0.79
CA PHE B 212 -27.94 -5.82 0.55
C PHE B 212 -27.19 -4.83 1.42
N ALA B 213 -27.17 -3.59 0.96
CA ALA B 213 -26.49 -2.52 1.67
C ALA B 213 -27.24 -1.22 1.46
N ILE B 214 -27.03 -0.27 2.36
CA ILE B 214 -27.64 1.04 2.29
C ILE B 214 -26.63 1.96 1.58
N PRO B 215 -27.03 2.59 0.47
CA PRO B 215 -26.16 3.49 -0.31
C PRO B 215 -25.67 4.63 0.56
N ILE B 216 -24.39 5.00 0.49
CA ILE B 216 -23.92 6.10 1.34
C ILE B 216 -24.58 7.43 1.00
N ASN B 217 -24.90 7.65 -0.26
CA ASN B 217 -25.55 8.89 -0.64
C ASN B 217 -26.80 9.08 0.19
N THR B 218 -27.46 7.96 0.52
CA THR B 218 -28.64 8.02 1.35
C THR B 218 -28.15 8.35 2.76
N VAL B 219 -27.06 7.70 3.16
CA VAL B 219 -26.48 7.93 4.47
C VAL B 219 -26.06 9.40 4.64
N LYS B 220 -25.50 9.98 3.58
CA LYS B 220 -25.07 11.38 3.61
C LYS B 220 -26.28 12.29 3.84
N LYS B 221 -27.38 12.02 3.15
CA LYS B 221 -28.58 12.83 3.32
C LYS B 221 -29.06 12.69 4.76
N PHE B 222 -28.75 11.56 5.38
CA PHE B 222 -29.16 11.36 6.77
C PHE B 222 -28.22 12.14 7.67
N LEU B 223 -26.93 11.87 7.54
CA LEU B 223 -25.93 12.56 8.34
C LEU B 223 -26.19 14.05 8.38
N ASP B 224 -26.49 14.63 7.23
CA ASP B 224 -26.74 16.07 7.16
C ASP B 224 -27.88 16.53 8.05
N THR B 225 -28.77 15.64 8.44
CA THR B 225 -29.89 16.01 9.31
C THR B 225 -29.46 15.95 10.79
N ILE B 226 -28.25 15.48 11.04
CA ILE B 226 -27.72 15.38 12.39
C ILE B 226 -26.41 16.15 12.44
N LEU B 227 -26.31 17.17 11.59
CA LEU B 227 -25.11 17.99 11.51
C LEU B 227 -24.94 18.83 12.78
N THR B 228 -23.68 19.01 13.17
CA THR B 228 -23.31 19.78 14.36
C THR B 228 -24.01 21.15 14.39
#